data_8OGZ
#
_entry.id   8OGZ
#
_cell.length_a   118.920
_cell.length_b   39.220
_cell.length_c   68.200
_cell.angle_alpha   90.000
_cell.angle_beta   95.260
_cell.angle_gamma   90.000
#
_symmetry.space_group_name_H-M   'C 1 2 1'
#
loop_
_entity.id
_entity.type
_entity.pdbx_description
1 polymer 'Cyclic di-AMP synthase CdaA'
2 non-polymer (3-methoxyphenyl)-pyrrol-1-yl-methanone
3 non-polymer 'MAGNESIUM ION'
4 water water
#
_entity_poly.entity_id   1
_entity_poly.type   'polypeptide(L)'
_entity_poly.pdbx_seq_one_letter_code
;GPTPVEEAQQKTIEAITKAINYMAKRRIGALLTIERDTGMGDYIETGIPLNAKVSSELLINIFIPNTPLHDGAVIMKNNE
IAAAACYLPLSESPFISKELGTRHRAAVGISEVTDSLTIIVSEETGGVSVAKNGDLHRELTEEALKEMLEAEFK
;
_entity_poly.pdbx_strand_id   A,B
#
# COMPACT_ATOMS: atom_id res chain seq x y z
N PRO A 2 -5.51 12.51 26.98
CA PRO A 2 -4.36 11.62 26.72
C PRO A 2 -3.17 12.33 26.11
N THR A 3 -1.98 11.74 26.24
CA THR A 3 -0.78 12.31 25.66
C THR A 3 -0.74 12.05 24.17
N PRO A 4 0.11 12.78 23.43
CA PRO A 4 0.29 12.48 22.01
C PRO A 4 0.60 11.00 21.74
N VAL A 5 1.51 10.42 22.51
CA VAL A 5 1.89 9.02 22.32
C VAL A 5 0.69 8.11 22.52
N GLU A 6 -0.08 8.36 23.59
CA GLU A 6 -1.26 7.55 23.86
C GLU A 6 -2.28 7.67 22.73
N GLU A 7 -2.52 8.89 22.24
CA GLU A 7 -3.47 9.05 21.15
C GLU A 7 -3.00 8.31 19.90
N ALA A 8 -1.70 8.35 19.63
CA ALA A 8 -1.17 7.67 18.45
C ALA A 8 -1.33 6.16 18.57
N GLN A 9 -1.06 5.60 19.75
CA GLN A 9 -1.24 4.16 19.93
C GLN A 9 -2.69 3.76 19.73
N GLN A 10 -3.63 4.54 20.28
CA GLN A 10 -5.05 4.22 20.12
C GLN A 10 -5.46 4.30 18.65
N LYS A 11 -4.99 5.33 17.94
CA LYS A 11 -5.31 5.44 16.52
C LYS A 11 -4.83 4.22 15.74
N THR A 12 -3.62 3.74 16.06
CA THR A 12 -3.08 2.58 15.36
C THR A 12 -3.86 1.32 15.69
N ILE A 13 -4.24 1.14 16.95
CA ILE A 13 -5.07 -0.01 17.31
C ILE A 13 -6.38 0.02 16.53
N GLU A 14 -7.01 1.19 16.44
CA GLU A 14 -8.27 1.29 15.71
C GLU A 14 -8.09 0.99 14.23
N ALA A 15 -6.98 1.48 13.63
CA ALA A 15 -6.72 1.19 12.23
C ALA A 15 -6.53 -0.32 12.02
N ILE A 16 -5.80 -0.97 12.91
CA ILE A 16 -5.59 -2.41 12.79
C ILE A 16 -6.91 -3.14 12.91
N THR A 17 -7.69 -2.83 13.93
CA THR A 17 -8.91 -3.62 14.14
C THR A 17 -9.90 -3.43 13.00
N LYS A 18 -9.97 -2.21 12.44
CA LYS A 18 -10.86 -1.98 11.30
C LYS A 18 -10.43 -2.82 10.11
N ALA A 19 -9.12 -2.87 9.85
CA ALA A 19 -8.63 -3.68 8.72
C ALA A 19 -8.88 -5.16 8.96
N ILE A 20 -8.61 -5.63 10.18
CA ILE A 20 -8.82 -7.04 10.49
C ILE A 20 -10.29 -7.41 10.34
N ASN A 21 -11.20 -6.55 10.80
CA ASN A 21 -12.63 -6.84 10.67
C ASN A 21 -13.04 -6.96 9.21
N TYR A 22 -12.54 -6.05 8.36
CA TYR A 22 -12.82 -6.10 6.93
C TYR A 22 -12.36 -7.43 6.33
N MET A 23 -11.12 -7.83 6.64
CA MET A 23 -10.61 -9.06 6.06
C MET A 23 -11.27 -10.30 6.62
N ALA A 24 -11.62 -10.30 7.90
CA ALA A 24 -12.34 -11.44 8.45
C ALA A 24 -13.69 -11.64 7.77
N LYS A 25 -14.41 -10.55 7.52
CA LYS A 25 -15.72 -10.63 6.87
C LYS A 25 -15.60 -11.21 5.47
N ARG A 26 -14.52 -10.92 4.75
CA ARG A 26 -14.33 -11.37 3.38
C ARG A 26 -13.46 -12.61 3.29
N ARG A 27 -13.01 -13.16 4.42
CA ARG A 27 -12.15 -14.32 4.46
C ARG A 27 -10.90 -14.12 3.60
N ILE A 28 -10.28 -12.97 3.81
CA ILE A 28 -9.01 -12.63 3.20
C ILE A 28 -7.91 -13.04 4.17
N GLY A 29 -7.03 -13.93 3.74
CA GLY A 29 -5.92 -14.34 4.59
C GLY A 29 -4.98 -13.17 4.82
N ALA A 30 -4.48 -13.06 6.06
CA ALA A 30 -3.62 -11.95 6.42
C ALA A 30 -2.69 -12.37 7.54
N LEU A 31 -1.55 -11.68 7.61
CA LEU A 31 -0.48 -12.00 8.55
C LEU A 31 0.17 -10.66 8.89
N LEU A 32 0.02 -10.23 10.15
CA LEU A 32 0.46 -8.91 10.57
C LEU A 32 1.21 -9.06 11.89
N THR A 33 2.52 -8.82 11.86
CA THR A 33 3.38 -8.97 13.04
C THR A 33 3.79 -7.60 13.53
N ILE A 34 3.64 -7.39 14.84
CA ILE A 34 4.01 -6.13 15.48
C ILE A 34 5.28 -6.38 16.28
N GLU A 35 6.37 -5.73 15.84
CA GLU A 35 7.65 -5.84 16.54
C GLU A 35 7.54 -5.20 17.91
N ARG A 36 8.16 -5.85 18.90
CA ARG A 36 8.20 -5.35 20.28
C ARG A 36 9.64 -5.11 20.69
N ASP A 37 10.10 -5.73 21.80
CA ASP A 37 11.46 -5.46 22.26
C ASP A 37 12.51 -6.22 21.45
N THR A 38 12.16 -7.40 20.94
CA THR A 38 13.10 -8.18 20.13
C THR A 38 13.13 -7.60 18.72
N GLY A 39 14.31 -7.19 18.27
CA GLY A 39 14.41 -6.61 16.94
C GLY A 39 14.16 -7.63 15.86
N MET A 40 13.49 -7.17 14.80
CA MET A 40 13.06 -8.04 13.72
C MET A 40 13.60 -7.55 12.38
N GLY A 41 14.69 -6.80 12.41
CA GLY A 41 15.24 -6.26 11.19
C GLY A 41 15.55 -7.31 10.15
N ASP A 42 16.06 -8.47 10.59
CA ASP A 42 16.40 -9.52 9.63
C ASP A 42 15.18 -10.00 8.87
N TYR A 43 14.02 -10.01 9.50
CA TYR A 43 12.80 -10.40 8.82
C TYR A 43 12.23 -9.25 8.00
N ILE A 44 12.29 -8.03 8.53
CA ILE A 44 11.84 -6.88 7.76
C ILE A 44 12.58 -6.79 6.43
N GLU A 45 13.88 -7.11 6.44
CA GLU A 45 14.70 -6.96 5.25
C GLU A 45 14.34 -7.96 4.16
N THR A 46 13.57 -9.01 4.48
CA THR A 46 13.18 -9.97 3.45
C THR A 46 11.99 -9.50 2.62
N GLY A 47 11.27 -8.46 3.05
CA GLY A 47 10.08 -8.01 2.37
C GLY A 47 10.30 -6.78 1.51
N ILE A 48 9.17 -6.19 1.11
CA ILE A 48 9.18 -4.98 0.28
C ILE A 48 9.13 -3.79 1.22
N PRO A 49 10.13 -2.89 1.20
CA PRO A 49 10.12 -1.77 2.13
C PRO A 49 8.94 -0.83 1.88
N LEU A 50 8.29 -0.41 2.96
CA LEU A 50 7.26 0.63 2.90
C LEU A 50 7.58 1.81 3.80
N ASN A 51 7.90 1.55 5.06
CA ASN A 51 8.04 2.57 6.07
C ASN A 51 6.92 3.60 5.99
N ALA A 52 5.69 3.10 6.01
CA ALA A 52 4.51 3.88 5.72
C ALA A 52 3.70 4.14 6.98
N LYS A 53 2.96 5.24 6.95
CA LYS A 53 1.99 5.49 8.01
C LYS A 53 0.94 4.39 8.01
N VAL A 54 0.49 4.03 9.20
CA VAL A 54 -0.56 3.03 9.34
C VAL A 54 -1.90 3.66 8.97
N SER A 55 -2.70 2.94 8.19
CA SER A 55 -4.10 3.24 8.03
C SER A 55 -4.81 1.92 7.76
N SER A 56 -6.09 1.86 8.10
CA SER A 56 -6.86 0.67 7.74
C SER A 56 -6.89 0.48 6.23
N GLU A 57 -6.97 1.60 5.50
CA GLU A 57 -7.01 1.55 4.04
C GLU A 57 -5.74 0.90 3.48
N LEU A 58 -4.56 1.34 3.93
CA LEU A 58 -3.35 0.76 3.40
C LEU A 58 -3.23 -0.72 3.78
N LEU A 59 -3.57 -1.07 5.02
CA LEU A 59 -3.52 -2.48 5.39
C LEU A 59 -4.40 -3.31 4.47
N ILE A 60 -5.61 -2.82 4.18
CA ILE A 60 -6.50 -3.56 3.29
C ILE A 60 -5.92 -3.65 1.88
N ASN A 61 -5.38 -2.54 1.35
CA ASN A 61 -4.81 -2.57 0.01
C ASN A 61 -3.52 -3.36 -0.08
N ILE A 62 -2.85 -3.63 1.04
CA ILE A 62 -1.71 -4.54 1.01
C ILE A 62 -2.20 -5.98 0.88
N PHE A 63 -3.18 -6.36 1.69
CA PHE A 63 -3.61 -7.75 1.78
C PHE A 63 -4.65 -8.10 0.74
N ILE A 64 -4.38 -7.81 -0.53
CA ILE A 64 -5.27 -8.16 -1.63
C ILE A 64 -4.91 -9.57 -2.10
N PRO A 65 -5.84 -10.52 -2.10
CA PRO A 65 -5.48 -11.88 -2.49
C PRO A 65 -4.84 -11.94 -3.87
N ASN A 66 -3.88 -12.85 -4.00
CA ASN A 66 -3.22 -13.14 -5.26
C ASN A 66 -2.36 -12.00 -5.76
N THR A 67 -1.90 -11.13 -4.87
CA THR A 67 -0.94 -10.09 -5.24
C THR A 67 0.39 -10.32 -4.53
N PRO A 68 1.51 -9.99 -5.18
CA PRO A 68 2.81 -10.12 -4.50
C PRO A 68 2.89 -9.41 -3.16
N LEU A 69 2.25 -8.26 -3.01
CA LEU A 69 2.33 -7.54 -1.74
C LEU A 69 1.65 -8.32 -0.61
N HIS A 70 0.68 -9.18 -0.95
CA HIS A 70 -0.05 -9.98 0.02
C HIS A 70 0.64 -11.30 0.35
N ASP A 71 1.75 -11.62 -0.32
CA ASP A 71 2.40 -12.91 -0.16
C ASP A 71 3.47 -12.85 0.92
N GLY A 72 3.03 -12.88 2.16
CA GLY A 72 3.92 -12.86 3.29
C GLY A 72 3.35 -11.95 4.36
N ALA A 73 4.19 -11.63 5.34
CA ALA A 73 3.75 -10.89 6.51
C ALA A 73 4.01 -9.39 6.34
N VAL A 74 3.08 -8.60 6.83
CA VAL A 74 3.35 -7.20 7.13
C VAL A 74 4.01 -7.17 8.50
N ILE A 75 5.09 -6.40 8.61
CA ILE A 75 5.74 -6.17 9.90
C ILE A 75 5.65 -4.70 10.24
N MET A 76 5.12 -4.42 11.42
CA MET A 76 4.99 -3.08 11.95
C MET A 76 6.05 -2.83 13.00
N LYS A 77 6.59 -1.61 13.02
CA LYS A 77 7.66 -1.22 13.91
C LYS A 77 7.55 0.28 14.10
N ASN A 78 7.66 0.73 15.35
CA ASN A 78 7.66 2.16 15.68
C ASN A 78 6.45 2.87 15.08
N ASN A 79 5.29 2.23 15.14
CA ASN A 79 4.03 2.84 14.73
C ASN A 79 3.95 3.10 13.23
N GLU A 80 4.68 2.31 12.44
CA GLU A 80 4.63 2.40 10.99
C GLU A 80 4.60 0.98 10.44
N ILE A 81 4.17 0.87 9.19
CA ILE A 81 4.30 -0.37 8.44
C ILE A 81 5.70 -0.40 7.84
N ALA A 82 6.58 -1.23 8.41
CA ALA A 82 7.97 -1.24 7.97
C ALA A 82 8.09 -1.88 6.58
N ALA A 83 7.48 -3.05 6.39
CA ALA A 83 7.61 -3.78 5.14
C ALA A 83 6.43 -4.73 5.02
N ALA A 84 6.16 -5.16 3.79
CA ALA A 84 5.14 -6.14 3.47
C ALA A 84 5.79 -7.33 2.74
N ALA A 85 5.04 -8.42 2.65
CA ALA A 85 5.50 -9.62 1.96
C ALA A 85 6.79 -10.16 2.58
N CYS A 86 6.87 -10.13 3.90
CA CYS A 86 8.05 -10.57 4.62
C CYS A 86 7.98 -12.06 4.93
N TYR A 87 9.16 -12.68 5.00
CA TYR A 87 9.29 -14.05 5.45
C TYR A 87 9.21 -14.12 6.97
N LEU A 88 8.49 -15.11 7.47
CA LEU A 88 8.53 -15.50 8.87
C LEU A 88 8.85 -16.98 8.94
N PRO A 89 9.55 -17.42 9.99
CA PRO A 89 9.92 -18.84 10.07
C PRO A 89 8.73 -19.69 10.45
N LEU A 90 8.64 -20.87 9.84
CA LEU A 90 7.53 -21.78 10.11
C LEU A 90 7.77 -22.56 11.39
N SER A 91 6.81 -22.54 12.30
CA SER A 91 6.90 -23.35 13.50
C SER A 91 6.85 -24.84 13.16
N GLU A 92 7.61 -25.63 13.91
CA GLU A 92 7.52 -27.08 13.88
C GLU A 92 6.75 -27.62 15.08
N SER A 93 6.04 -26.75 15.80
CA SER A 93 5.32 -27.20 16.98
C SER A 93 4.28 -28.24 16.59
N PRO A 94 4.24 -29.38 17.27
CA PRO A 94 3.16 -30.35 17.00
C PRO A 94 1.83 -30.03 17.66
N PHE A 95 1.71 -28.86 18.30
CA PHE A 95 0.54 -28.53 19.11
C PHE A 95 -0.29 -27.41 18.50
N ILE A 96 -0.08 -27.12 17.24
CA ILE A 96 -0.95 -26.24 16.45
C ILE A 96 -2.06 -27.10 15.87
N SER A 97 -3.28 -26.56 15.89
CA SER A 97 -4.42 -27.24 15.29
C SER A 97 -4.07 -27.76 13.91
N LYS A 98 -4.44 -29.02 13.65
CA LYS A 98 -4.01 -29.70 12.44
C LYS A 98 -4.72 -29.20 11.19
N GLU A 99 -5.85 -28.50 11.34
CA GLU A 99 -6.50 -27.95 10.17
C GLU A 99 -5.88 -26.67 9.67
N LEU A 100 -4.94 -26.09 10.41
CA LEU A 100 -4.34 -24.81 10.05
C LEU A 100 -3.11 -25.03 9.17
N GLY A 101 -2.85 -24.04 8.32
CA GLY A 101 -1.81 -24.11 7.33
C GLY A 101 -0.62 -23.23 7.63
N THR A 102 0.11 -22.88 6.58
CA THR A 102 1.42 -22.27 6.75
C THR A 102 1.34 -20.85 7.31
N ARG A 103 0.25 -20.14 7.03
CA ARG A 103 0.08 -18.80 7.58
C ARG A 103 0.15 -18.81 9.10
N HIS A 104 -0.63 -19.70 9.71
CA HIS A 104 -0.65 -19.78 11.16
C HIS A 104 0.66 -20.35 11.71
N ARG A 105 1.27 -21.29 10.98
CA ARG A 105 2.56 -21.82 11.42
C ARG A 105 3.64 -20.75 11.35
N ALA A 106 3.57 -19.85 10.37
CA ALA A 106 4.54 -18.75 10.29
C ALA A 106 4.38 -17.80 11.47
N ALA A 107 3.13 -17.47 11.82
CA ALA A 107 2.89 -16.61 12.98
C ALA A 107 3.42 -17.25 14.26
N VAL A 108 3.08 -18.52 14.49
CA VAL A 108 3.59 -19.19 15.67
C VAL A 108 5.11 -19.21 15.64
N GLY A 109 5.70 -19.46 14.46
CA GLY A 109 7.14 -19.54 14.34
C GLY A 109 7.85 -18.27 14.78
N ILE A 110 7.39 -17.12 14.29
CA ILE A 110 8.05 -15.88 14.70
C ILE A 110 7.82 -15.63 16.20
N SER A 111 6.67 -16.05 16.72
CA SER A 111 6.37 -15.85 18.13
C SER A 111 7.21 -16.72 19.04
N GLU A 112 7.87 -17.76 18.49
CA GLU A 112 8.73 -18.63 19.29
C GLU A 112 10.10 -18.02 19.54
N VAL A 113 10.53 -17.07 18.71
CA VAL A 113 11.88 -16.53 18.75
C VAL A 113 11.90 -15.02 18.93
N THR A 114 10.74 -14.41 19.16
CA THR A 114 10.63 -12.99 19.44
C THR A 114 9.52 -12.80 20.45
N ASP A 115 9.46 -11.60 21.02
CA ASP A 115 8.34 -11.18 21.86
C ASP A 115 7.25 -10.46 21.07
N SER A 116 7.21 -10.65 19.76
CA SER A 116 6.26 -9.93 18.92
C SER A 116 4.84 -10.49 19.09
N LEU A 117 3.87 -9.72 18.62
CA LEU A 117 2.48 -10.15 18.55
C LEU A 117 2.09 -10.22 17.09
N THR A 118 1.57 -11.36 16.66
CA THR A 118 1.16 -11.54 15.27
C THR A 118 -0.34 -11.82 15.23
N ILE A 119 -1.01 -11.11 14.33
CA ILE A 119 -2.43 -11.33 14.06
C ILE A 119 -2.55 -12.11 12.75
N ILE A 120 -3.44 -13.10 12.74
CA ILE A 120 -3.68 -13.93 11.57
C ILE A 120 -5.16 -13.91 11.26
N VAL A 121 -5.51 -13.68 9.99
CA VAL A 121 -6.86 -13.91 9.50
C VAL A 121 -6.84 -15.14 8.59
N SER A 122 -7.74 -16.08 8.85
CA SER A 122 -7.82 -17.31 8.07
C SER A 122 -8.54 -17.08 6.75
N GLU A 123 -7.93 -17.53 5.65
CA GLU A 123 -8.62 -17.46 4.36
C GLU A 123 -9.71 -18.52 4.25
N GLU A 124 -9.67 -19.54 5.12
CA GLU A 124 -10.68 -20.59 5.06
C GLU A 124 -11.96 -20.16 5.78
N THR A 125 -11.83 -19.51 6.93
CA THR A 125 -12.98 -19.23 7.76
C THR A 125 -13.17 -17.77 8.10
N GLY A 126 -12.18 -16.92 7.85
CA GLY A 126 -12.20 -15.57 8.38
C GLY A 126 -11.97 -15.49 9.87
N GLY A 127 -11.67 -16.60 10.53
CA GLY A 127 -11.35 -16.54 11.94
C GLY A 127 -10.08 -15.74 12.19
N VAL A 128 -10.06 -15.06 13.33
CA VAL A 128 -8.96 -14.20 13.74
C VAL A 128 -8.25 -14.86 14.90
N SER A 129 -6.91 -14.90 14.83
CA SER A 129 -6.10 -15.48 15.89
C SER A 129 -4.89 -14.60 16.13
N VAL A 130 -4.23 -14.82 17.25
CA VAL A 130 -3.02 -14.09 17.62
C VAL A 130 -1.98 -15.09 18.10
N ALA A 131 -0.74 -14.92 17.63
CA ALA A 131 0.38 -15.73 18.08
C ALA A 131 1.29 -14.88 18.96
N LYS A 132 1.63 -15.43 20.12
CA LYS A 132 2.55 -14.80 21.06
C LYS A 132 3.18 -15.92 21.89
N ASN A 133 4.49 -15.81 22.12
CA ASN A 133 5.20 -16.70 23.03
C ASN A 133 5.12 -18.16 22.62
N GLY A 134 4.88 -18.47 21.35
CA GLY A 134 4.79 -19.84 20.90
C GLY A 134 3.39 -20.43 20.91
N ASP A 135 2.39 -19.66 21.35
CA ASP A 135 1.02 -20.14 21.40
C ASP A 135 0.15 -19.34 20.45
N LEU A 136 -0.88 -20.02 19.97
CA LEU A 136 -1.87 -19.46 19.07
C LEU A 136 -3.19 -19.38 19.82
N HIS A 137 -3.76 -18.18 19.86
CA HIS A 137 -5.04 -17.91 20.52
C HIS A 137 -6.07 -17.71 19.42
N ARG A 138 -6.99 -18.67 19.32
CA ARG A 138 -7.85 -18.80 18.14
C ARG A 138 -9.24 -18.24 18.39
N GLU A 139 -9.94 -18.01 17.29
CA GLU A 139 -11.35 -17.65 17.28
C GLU A 139 -11.64 -16.48 18.22
N LEU A 140 -10.92 -15.40 17.99
CA LEU A 140 -11.04 -14.22 18.82
C LEU A 140 -12.22 -13.37 18.37
N THR A 141 -12.89 -12.77 19.34
CA THR A 141 -13.84 -11.71 19.09
C THR A 141 -13.09 -10.40 18.87
N GLU A 142 -13.81 -9.39 18.37
CA GLU A 142 -13.21 -8.07 18.24
C GLU A 142 -12.73 -7.54 19.59
N GLU A 143 -13.54 -7.72 20.63
CA GLU A 143 -13.16 -7.25 21.96
C GLU A 143 -11.90 -7.95 22.44
N ALA A 144 -11.78 -9.26 22.17
CA ALA A 144 -10.60 -10.00 22.61
C ALA A 144 -9.34 -9.48 21.92
N LEU A 145 -9.42 -9.25 20.61
CA LEU A 145 -8.25 -8.74 19.90
C LEU A 145 -7.84 -7.36 20.42
N LYS A 146 -8.81 -6.47 20.61
CA LYS A 146 -8.51 -5.16 21.15
C LYS A 146 -7.82 -5.27 22.50
N GLU A 147 -8.33 -6.14 23.37
CA GLU A 147 -7.72 -6.32 24.68
C GLU A 147 -6.28 -6.78 24.55
N MET A 148 -6.00 -7.67 23.59
CA MET A 148 -4.63 -8.12 23.41
C MET A 148 -3.74 -6.98 22.92
N LEU A 149 -4.23 -6.19 21.97
CA LEU A 149 -3.44 -5.07 21.47
C LEU A 149 -3.17 -4.05 22.57
N GLU A 150 -4.18 -3.77 23.39
CA GLU A 150 -3.99 -2.80 24.48
C GLU A 150 -3.06 -3.34 25.55
N ALA A 151 -3.17 -4.64 25.86
CA ALA A 151 -2.26 -5.23 26.85
C ALA A 151 -0.83 -5.21 26.34
N GLU A 152 -0.65 -5.47 25.05
CA GLU A 152 0.67 -5.50 24.44
C GLU A 152 1.29 -4.12 24.49
N PRO B 2 26.95 7.83 -11.37
CA PRO B 2 25.83 8.66 -10.91
C PRO B 2 25.81 8.82 -9.40
N THR B 3 25.24 9.92 -8.92
CA THR B 3 25.15 10.19 -7.50
C THR B 3 24.04 9.37 -6.88
N PRO B 4 24.00 9.28 -5.54
CA PRO B 4 22.86 8.59 -4.89
C PRO B 4 21.52 9.18 -5.30
N VAL B 5 21.43 10.51 -5.40
CA VAL B 5 20.17 11.13 -5.83
C VAL B 5 19.78 10.63 -7.21
N GLU B 6 20.75 10.54 -8.12
CA GLU B 6 20.44 10.09 -9.48
C GLU B 6 20.05 8.62 -9.50
N GLU B 7 20.73 7.80 -8.70
CA GLU B 7 20.38 6.38 -8.64
C GLU B 7 19.00 6.19 -8.05
N ALA B 8 18.67 6.95 -7.00
CA ALA B 8 17.34 6.86 -6.41
C ALA B 8 16.27 7.26 -7.43
N GLN B 9 16.53 8.31 -8.20
CA GLN B 9 15.58 8.70 -9.24
C GLN B 9 15.37 7.58 -10.24
N GLN B 10 16.45 6.91 -10.65
CA GLN B 10 16.33 5.83 -11.62
C GLN B 10 15.51 4.68 -11.06
N LYS B 11 15.74 4.34 -9.79
CA LYS B 11 14.94 3.28 -9.16
C LYS B 11 13.47 3.66 -9.10
N THR B 12 13.18 4.92 -8.81
CA THR B 12 11.77 5.32 -8.75
C THR B 12 11.10 5.32 -10.13
N ILE B 13 11.88 5.72 -11.14
CA ILE B 13 11.37 5.63 -12.50
C ILE B 13 11.07 4.18 -12.90
N GLU B 14 11.99 3.30 -12.53
CA GLU B 14 11.80 1.89 -12.85
C GLU B 14 10.57 1.31 -12.14
N ALA B 15 10.35 1.72 -10.89
CA ALA B 15 9.19 1.26 -10.15
C ALA B 15 7.89 1.78 -10.77
N ILE B 16 7.88 3.05 -11.14
CA ILE B 16 6.68 3.63 -11.75
C ILE B 16 6.37 2.94 -13.07
N THR B 17 7.37 2.81 -13.95
CA THR B 17 7.10 2.26 -15.27
C THR B 17 6.64 0.81 -15.20
N LYS B 18 7.24 0.02 -14.32
CA LYS B 18 6.81 -1.36 -14.19
C LYS B 18 5.37 -1.44 -13.71
N ALA B 19 4.99 -0.55 -12.78
CA ALA B 19 3.61 -0.54 -12.30
C ALA B 19 2.65 -0.11 -13.40
N ILE B 20 2.97 0.98 -14.10
CA ILE B 20 2.08 1.47 -15.14
C ILE B 20 1.94 0.45 -16.25
N ASN B 21 3.06 -0.17 -16.66
CA ASN B 21 3.00 -1.16 -17.74
C ASN B 21 2.09 -2.32 -17.34
N TYR B 22 2.14 -2.74 -16.08
CA TYR B 22 1.31 -3.85 -15.65
C TYR B 22 -0.16 -3.45 -15.61
N MET B 23 -0.46 -2.27 -15.04
CA MET B 23 -1.85 -1.84 -14.98
C MET B 23 -2.44 -1.64 -16.38
N ALA B 24 -1.63 -1.13 -17.30
CA ALA B 24 -2.11 -0.97 -18.68
C ALA B 24 -2.51 -2.31 -19.28
N LYS B 25 -1.68 -3.34 -19.09
CA LYS B 25 -1.98 -4.65 -19.65
C LYS B 25 -3.27 -5.21 -19.07
N ARG B 26 -3.52 -4.97 -17.79
CA ARG B 26 -4.70 -5.49 -17.11
C ARG B 26 -5.88 -4.54 -17.15
N ARG B 27 -5.74 -3.38 -17.80
CA ARG B 27 -6.83 -2.42 -17.87
C ARG B 27 -7.25 -1.97 -16.47
N ILE B 28 -6.26 -1.77 -15.60
CA ILE B 28 -6.49 -1.23 -14.27
C ILE B 28 -6.34 0.29 -14.34
N GLY B 29 -7.45 0.99 -14.12
CA GLY B 29 -7.40 2.44 -14.14
C GLY B 29 -6.47 2.97 -13.06
N ALA B 30 -5.71 4.01 -13.40
CA ALA B 30 -4.75 4.57 -12.46
C ALA B 30 -4.55 6.05 -12.74
N LEU B 31 -4.17 6.77 -11.69
CA LEU B 31 -4.04 8.23 -11.73
C LEU B 31 -2.91 8.56 -10.76
N LEU B 32 -1.76 8.94 -11.31
CA LEU B 32 -0.52 9.06 -10.55
C LEU B 32 0.14 10.39 -10.88
N THR B 33 0.15 11.29 -9.91
CA THR B 33 0.72 12.63 -10.07
C THR B 33 2.05 12.72 -9.35
N ILE B 34 3.06 13.19 -10.07
CA ILE B 34 4.41 13.36 -9.55
C ILE B 34 4.62 14.85 -9.31
N GLU B 35 4.71 15.23 -8.04
CA GLU B 35 4.97 16.61 -7.69
C GLU B 35 6.33 17.02 -8.23
N ARG B 36 6.42 18.24 -8.73
CA ARG B 36 7.68 18.81 -9.18
C ARG B 36 8.02 20.03 -8.32
N ASP B 37 8.21 21.20 -8.92
CA ASP B 37 8.61 22.37 -8.11
C ASP B 37 7.44 23.11 -7.50
N THR B 38 6.23 22.98 -8.05
CA THR B 38 5.05 23.56 -7.43
C THR B 38 4.54 22.60 -6.37
N GLY B 39 4.53 23.04 -5.11
CA GLY B 39 4.11 22.17 -4.04
C GLY B 39 2.63 21.84 -4.12
N MET B 40 2.29 20.60 -3.78
CA MET B 40 0.93 20.10 -3.90
C MET B 40 0.35 19.68 -2.56
N GLY B 41 0.84 20.30 -1.49
CA GLY B 41 0.37 19.93 -0.16
C GLY B 41 -1.14 19.99 -0.01
N ASP B 42 -1.77 20.99 -0.63
CA ASP B 42 -3.22 21.14 -0.48
C ASP B 42 -3.96 19.92 -1.00
N TYR B 43 -3.45 19.32 -2.08
CA TYR B 43 -4.07 18.13 -2.64
C TYR B 43 -3.64 16.87 -1.91
N ILE B 44 -2.38 16.80 -1.49
CA ILE B 44 -1.90 15.66 -0.72
C ILE B 44 -2.75 15.49 0.54
N GLU B 45 -3.08 16.60 1.20
CA GLU B 45 -3.83 16.57 2.45
C GLU B 45 -5.27 16.12 2.29
N THR B 46 -5.79 16.04 1.06
CA THR B 46 -7.13 15.51 0.87
C THR B 46 -7.18 13.99 0.85
N GLY B 47 -6.04 13.31 0.73
CA GLY B 47 -6.01 11.87 0.60
C GLY B 47 -5.70 11.18 1.91
N ILE B 48 -5.45 9.88 1.80
CA ILE B 48 -5.00 9.07 2.94
C ILE B 48 -3.48 9.17 3.00
N PRO B 49 -2.90 9.63 4.11
CA PRO B 49 -1.43 9.75 4.16
C PRO B 49 -0.77 8.37 4.15
N LEU B 50 0.24 8.22 3.29
CA LEU B 50 1.08 7.04 3.27
C LEU B 50 2.52 7.35 3.63
N ASN B 51 3.13 8.35 2.98
CA ASN B 51 4.53 8.67 3.18
C ASN B 51 5.39 7.40 3.07
N ALA B 52 5.12 6.64 2.02
CA ALA B 52 5.68 5.31 1.86
C ALA B 52 6.78 5.30 0.79
N LYS B 53 7.77 4.45 1.02
CA LYS B 53 8.77 4.20 -0.02
C LYS B 53 8.08 3.64 -1.26
N VAL B 54 8.52 4.07 -2.43
CA VAL B 54 7.88 3.61 -3.66
C VAL B 54 8.29 2.18 -3.95
N SER B 55 7.35 1.42 -4.51
CA SER B 55 7.61 0.12 -5.11
C SER B 55 6.55 -0.08 -6.17
N SER B 56 6.86 -0.90 -7.17
N SER B 56 6.86 -0.87 -7.19
CA SER B 56 5.86 -1.21 -8.19
CA SER B 56 5.85 -1.21 -8.18
C SER B 56 4.68 -1.96 -7.58
C SER B 56 4.67 -1.92 -7.53
N GLU B 57 4.97 -2.83 -6.60
CA GLU B 57 3.93 -3.61 -5.95
C GLU B 57 2.92 -2.73 -5.22
N LEU B 58 3.41 -1.74 -4.46
CA LEU B 58 2.47 -0.87 -3.75
C LEU B 58 1.67 -0.02 -4.73
N LEU B 59 2.32 0.51 -5.77
CA LEU B 59 1.58 1.31 -6.74
C LEU B 59 0.44 0.51 -7.37
N ILE B 60 0.70 -0.73 -7.77
CA ILE B 60 -0.35 -1.53 -8.41
C ILE B 60 -1.48 -1.80 -7.44
N ASN B 61 -1.13 -2.24 -6.22
CA ASN B 61 -2.15 -2.62 -5.27
C ASN B 61 -3.07 -1.46 -4.93
N ILE B 62 -2.52 -0.24 -4.88
CA ILE B 62 -3.35 0.92 -4.54
C ILE B 62 -4.54 1.01 -5.47
N PHE B 63 -4.35 0.70 -6.75
CA PHE B 63 -5.38 0.94 -7.77
C PHE B 63 -6.22 -0.29 -8.08
N ILE B 64 -6.04 -1.40 -7.38
CA ILE B 64 -6.90 -2.56 -7.65
C ILE B 64 -8.36 -2.14 -7.44
N PRO B 65 -9.26 -2.45 -8.38
CA PRO B 65 -10.66 -2.02 -8.20
C PRO B 65 -11.28 -2.52 -6.90
N ASN B 66 -12.25 -1.76 -6.41
CA ASN B 66 -13.07 -2.14 -5.27
C ASN B 66 -12.27 -2.21 -3.97
N THR B 67 -11.24 -1.38 -3.84
CA THR B 67 -10.43 -1.30 -2.64
C THR B 67 -10.48 0.10 -2.07
N PRO B 68 -10.12 0.27 -0.79
CA PRO B 68 -10.21 1.61 -0.19
C PRO B 68 -9.42 2.70 -0.91
N LEU B 69 -8.25 2.39 -1.47
CA LEU B 69 -7.37 3.42 -1.98
C LEU B 69 -7.48 3.68 -3.48
N HIS B 70 -8.32 2.93 -4.19
CA HIS B 70 -8.25 2.97 -5.64
C HIS B 70 -8.87 4.20 -6.29
N ASP B 71 -9.77 4.91 -5.62
CA ASP B 71 -10.46 6.03 -6.23
C ASP B 71 -9.79 7.32 -5.80
N GLY B 72 -9.39 8.12 -6.76
CA GLY B 72 -8.60 9.31 -6.52
C GLY B 72 -7.17 9.11 -6.96
N ALA B 73 -6.38 10.16 -6.75
CA ALA B 73 -5.02 10.20 -7.25
C ALA B 73 -4.02 9.76 -6.19
N VAL B 74 -2.98 9.08 -6.63
CA VAL B 74 -1.73 8.95 -5.88
C VAL B 74 -0.90 10.17 -6.20
N ILE B 75 -0.35 10.80 -5.17
CA ILE B 75 0.59 11.91 -5.34
C ILE B 75 1.93 11.47 -4.78
N MET B 76 2.95 11.51 -5.62
CA MET B 76 4.32 11.21 -5.22
C MET B 76 5.13 12.46 -5.02
N LYS B 77 5.97 12.43 -3.99
CA LYS B 77 6.97 13.46 -3.70
C LYS B 77 8.32 12.78 -3.78
N ASN B 78 9.09 13.12 -4.81
CA ASN B 78 10.41 12.53 -5.03
C ASN B 78 10.30 11.01 -5.02
N ASN B 79 10.89 10.35 -4.03
CA ASN B 79 10.95 8.90 -3.99
C ASN B 79 9.94 8.29 -3.02
N GLU B 80 8.88 9.02 -2.70
CA GLU B 80 7.86 8.52 -1.78
C GLU B 80 6.48 8.67 -2.39
N ILE B 81 5.59 7.76 -2.01
CA ILE B 81 4.17 7.92 -2.23
C ILE B 81 3.64 8.72 -1.05
N ALA B 82 3.30 10.00 -1.27
CA ALA B 82 2.90 10.85 -0.16
C ALA B 82 1.51 10.46 0.33
N ALA B 83 0.56 10.29 -0.59
CA ALA B 83 -0.82 10.00 -0.22
C ALA B 83 -1.52 9.35 -1.41
N ALA B 84 -2.62 8.67 -1.11
CA ALA B 84 -3.45 8.04 -2.13
C ALA B 84 -4.89 8.51 -1.93
N ALA B 85 -5.72 8.25 -2.94
CA ALA B 85 -7.13 8.64 -2.91
C ALA B 85 -7.28 10.15 -2.74
N CYS B 86 -6.42 10.89 -3.40
CA CYS B 86 -6.42 12.35 -3.30
C CYS B 86 -7.36 12.96 -4.32
N TYR B 87 -7.92 14.11 -3.95
CA TYR B 87 -8.69 14.94 -4.87
C TYR B 87 -7.75 15.76 -5.74
N LEU B 88 -8.11 15.89 -7.01
CA LEU B 88 -7.50 16.82 -7.95
C LEU B 88 -8.62 17.60 -8.63
N PRO B 89 -8.37 18.84 -9.02
CA PRO B 89 -9.41 19.63 -9.69
C PRO B 89 -9.64 19.14 -11.11
N LEU B 90 -10.89 19.24 -11.55
CA LEU B 90 -11.27 18.78 -12.88
C LEU B 90 -11.07 19.89 -13.91
N SER B 91 -10.35 19.56 -14.98
CA SER B 91 -10.19 20.51 -16.07
C SER B 91 -11.47 20.62 -16.88
N GLU B 92 -11.71 21.82 -17.41
CA GLU B 92 -12.79 22.08 -18.34
C GLU B 92 -12.27 22.27 -19.76
N SER B 93 -11.03 21.85 -20.01
CA SER B 93 -10.41 22.08 -21.31
C SER B 93 -11.21 21.37 -22.39
N PRO B 94 -11.46 22.02 -23.53
CA PRO B 94 -12.15 21.34 -24.63
C PRO B 94 -11.26 20.39 -25.43
N PHE B 95 -9.98 20.28 -25.09
CA PHE B 95 -9.05 19.42 -25.80
C PHE B 95 -8.86 18.08 -25.11
N ILE B 96 -9.78 17.73 -24.21
CA ILE B 96 -9.83 16.41 -23.60
C ILE B 96 -10.84 15.60 -24.39
N SER B 97 -10.40 14.48 -24.97
CA SER B 97 -11.27 13.65 -25.79
C SER B 97 -12.59 13.40 -25.05
N LYS B 98 -13.70 13.56 -25.77
CA LYS B 98 -15.01 13.53 -25.14
C LYS B 98 -15.29 12.20 -24.44
N GLU B 99 -14.72 11.10 -24.93
CA GLU B 99 -15.02 9.80 -24.34
C GLU B 99 -14.30 9.55 -23.02
N LEU B 100 -13.35 10.39 -22.65
CA LEU B 100 -12.58 10.16 -21.44
C LEU B 100 -13.34 10.64 -20.21
N GLY B 101 -13.07 9.99 -19.10
CA GLY B 101 -13.77 10.21 -17.85
C GLY B 101 -12.98 11.03 -16.86
N THR B 102 -13.30 10.84 -15.58
CA THR B 102 -12.88 11.78 -14.56
C THR B 102 -11.38 11.71 -14.30
N ARG B 103 -10.77 10.53 -14.40
CA ARG B 103 -9.33 10.44 -14.11
C ARG B 103 -8.54 11.35 -15.04
N HIS B 104 -8.87 11.34 -16.34
CA HIS B 104 -8.15 12.17 -17.29
C HIS B 104 -8.43 13.64 -17.08
N ARG B 105 -9.67 13.99 -16.72
CA ARG B 105 -10.00 15.39 -16.48
C ARG B 105 -9.33 15.90 -15.21
N ALA B 106 -9.21 15.05 -14.19
CA ALA B 106 -8.49 15.42 -12.98
C ALA B 106 -7.00 15.62 -13.26
N ALA B 107 -6.42 14.73 -14.07
CA ALA B 107 -5.01 14.86 -14.42
C ALA B 107 -4.75 16.17 -15.15
N VAL B 108 -5.54 16.47 -16.18
CA VAL B 108 -5.33 17.74 -16.88
C VAL B 108 -5.56 18.91 -15.92
N GLY B 109 -6.55 18.76 -15.02
CA GLY B 109 -6.85 19.83 -14.08
C GLY B 109 -5.68 20.19 -13.18
N ILE B 110 -5.04 19.19 -12.58
CA ILE B 110 -3.90 19.50 -11.73
C ILE B 110 -2.74 20.03 -12.58
N SER B 111 -2.63 19.58 -13.84
CA SER B 111 -1.55 20.04 -14.70
C SER B 111 -1.72 21.50 -15.12
N GLU B 112 -2.90 22.07 -14.93
CA GLU B 112 -3.15 23.48 -15.28
C GLU B 112 -2.72 24.43 -14.17
N VAL B 113 -2.50 23.94 -12.95
CA VAL B 113 -2.22 24.81 -11.82
C VAL B 113 -0.94 24.38 -11.10
N THR B 114 -0.20 23.44 -11.70
CA THR B 114 1.08 23.00 -11.18
C THR B 114 1.98 22.62 -12.35
N ASP B 115 3.26 22.44 -12.05
CA ASP B 115 4.22 21.89 -13.01
C ASP B 115 4.37 20.37 -12.87
N SER B 116 3.40 19.71 -12.25
CA SER B 116 3.50 18.29 -12.01
C SER B 116 3.34 17.51 -13.31
N LEU B 117 3.73 16.24 -13.27
CA LEU B 117 3.52 15.30 -14.36
C LEU B 117 2.57 14.23 -13.86
N THR B 118 1.45 14.03 -14.55
CA THR B 118 0.47 13.04 -14.15
C THR B 118 0.37 11.97 -15.22
N ILE B 119 0.38 10.72 -14.78
CA ILE B 119 0.21 9.55 -15.64
C ILE B 119 -1.17 8.98 -15.39
N ILE B 120 -1.87 8.63 -16.47
CA ILE B 120 -3.22 8.06 -16.40
C ILE B 120 -3.23 6.75 -17.18
N VAL B 121 -3.82 5.70 -16.59
CA VAL B 121 -4.11 4.47 -17.31
C VAL B 121 -5.63 4.39 -17.48
N SER B 122 -6.07 4.19 -18.71
CA SER B 122 -7.50 4.05 -18.96
C SER B 122 -7.98 2.64 -18.61
N GLU B 123 -9.04 2.58 -17.79
CA GLU B 123 -9.66 1.29 -17.52
C GLU B 123 -10.46 0.76 -18.70
N GLU B 124 -10.74 1.60 -19.69
CA GLU B 124 -11.49 1.19 -20.86
C GLU B 124 -10.61 0.52 -21.90
N THR B 125 -9.46 1.12 -22.20
CA THR B 125 -8.61 0.67 -23.27
C THR B 125 -7.24 0.18 -22.83
N GLY B 126 -6.82 0.47 -21.60
CA GLY B 126 -5.46 0.23 -21.20
C GLY B 126 -4.47 1.27 -21.71
N GLY B 127 -4.93 2.26 -22.47
CA GLY B 127 -4.02 3.28 -22.95
C GLY B 127 -3.43 4.10 -21.83
N VAL B 128 -2.18 4.52 -22.05
CA VAL B 128 -1.43 5.31 -21.09
C VAL B 128 -1.30 6.73 -21.64
N SER B 129 -1.58 7.71 -20.79
CA SER B 129 -1.48 9.11 -21.17
C SER B 129 -0.77 9.89 -20.07
N VAL B 130 -0.29 11.07 -20.43
CA VAL B 130 0.39 11.97 -19.51
C VAL B 130 -0.21 13.36 -19.65
N ALA B 131 -0.46 14.01 -18.52
CA ALA B 131 -0.90 15.39 -18.47
C ALA B 131 0.21 16.26 -17.91
N LYS B 132 0.54 17.33 -18.64
CA LYS B 132 1.56 18.26 -18.22
C LYS B 132 1.22 19.62 -18.84
N ASN B 133 1.24 20.66 -18.00
CA ASN B 133 1.07 22.04 -18.48
C ASN B 133 -0.22 22.21 -19.27
N GLY B 134 -1.28 21.52 -18.85
CA GLY B 134 -2.58 21.69 -19.44
C GLY B 134 -2.84 20.86 -20.67
N ASP B 135 -1.86 20.09 -21.14
CA ASP B 135 -2.00 19.26 -22.33
C ASP B 135 -2.03 17.79 -21.94
N LEU B 136 -2.89 17.03 -22.62
CA LEU B 136 -2.94 15.59 -22.48
C LEU B 136 -2.33 14.93 -23.70
N HIS B 137 -1.38 14.04 -23.48
CA HIS B 137 -0.72 13.27 -24.52
C HIS B 137 -1.09 11.80 -24.34
N ARG B 138 -1.75 11.22 -25.35
CA ARG B 138 -2.39 9.93 -25.22
C ARG B 138 -1.61 8.82 -25.91
N GLU B 139 -2.01 7.58 -25.62
CA GLU B 139 -1.57 6.39 -26.32
C GLU B 139 -0.04 6.25 -26.35
N LEU B 140 0.58 6.47 -25.19
CA LEU B 140 2.02 6.42 -25.10
C LEU B 140 2.53 4.99 -25.11
N THR B 141 3.62 4.76 -25.84
CA THR B 141 4.34 3.51 -25.74
C THR B 141 5.08 3.44 -24.41
N GLU B 142 5.47 2.22 -24.02
CA GLU B 142 6.27 2.07 -22.80
C GLU B 142 7.54 2.90 -22.89
N GLU B 143 8.20 2.88 -24.05
CA GLU B 143 9.44 3.63 -24.23
C GLU B 143 9.20 5.12 -24.09
N ALA B 144 8.11 5.64 -24.65
CA ALA B 144 7.84 7.06 -24.58
C ALA B 144 7.60 7.51 -23.15
N LEU B 145 6.82 6.73 -22.39
CA LEU B 145 6.60 7.08 -21.00
C LEU B 145 7.91 7.16 -20.23
N LYS B 146 8.77 6.14 -20.39
CA LYS B 146 10.03 6.13 -19.67
C LYS B 146 10.88 7.34 -20.02
N GLU B 147 10.94 7.68 -21.31
CA GLU B 147 11.72 8.84 -21.73
C GLU B 147 11.16 10.12 -21.13
N MET B 148 9.82 10.25 -21.10
CA MET B 148 9.20 11.42 -20.50
C MET B 148 9.60 11.55 -19.03
N LEU B 149 9.55 10.45 -18.29
CA LEU B 149 9.92 10.49 -16.88
C LEU B 149 11.39 10.84 -16.70
N GLU B 150 12.27 10.23 -17.50
CA GLU B 150 13.69 10.54 -17.42
C GLU B 150 13.94 12.01 -17.70
N ALA B 151 13.26 12.58 -18.68
CA ALA B 151 13.43 13.99 -18.99
C ALA B 151 12.90 14.87 -17.87
N GLU B 152 11.81 14.45 -17.24
CA GLU B 152 11.21 15.18 -16.14
C GLU B 152 12.18 15.22 -14.96
#